data_7C02
#
_entry.id   7C02
#
_cell.length_a   46.463
_cell.length_b   108.788
_cell.length_c   125.448
_cell.angle_alpha   90.000
_cell.angle_beta   90.000
_cell.angle_gamma   90.000
#
_symmetry.space_group_name_H-M   'P 21 21 21'
#
loop_
_entity.id
_entity.type
_entity.pdbx_description
1 polymer 'Spike glycoprotein'
2 non-polymer 2-acetamido-2-deoxy-beta-D-glucopyranose
#
_entity_poly.entity_id   1
_entity_poly.type   'polypeptide(L)'
_entity_poly.pdbx_seq_one_letter_code
;EAKPSGSVVEQAEGVECDFSPLLSGTPPQVYNFKRLVFTNCNYNLTKLLSLFSVNDFTCSQISPAAIASNCYSSLILDYF
SYPLSMKSDLSVSSAGPISQFNYKQSFSNPTCLILATVPHNLTTITKPLKYSYINKCSRLLSDDRTEVPQLVNANQYSPC
VSIVPSTVWEDGDYYRKQLSPLEGGGWLVASGSTVAMTEQLQMGFGITVQYGTDTNSVCPKLEFANDTKIASQLGNCVEY
HHHHHH
;
_entity_poly.pdbx_strand_id   A,B
#
loop_
_chem_comp.id
_chem_comp.type
_chem_comp.name
_chem_comp.formula
NAG D-saccharide, beta linking 2-acetamido-2-deoxy-beta-D-glucopyranose 'C8 H15 N O6'
#
# COMPACT_ATOMS: atom_id res chain seq x y z
N VAL A 15 23.51 -26.06 -21.93
CA VAL A 15 22.65 -26.23 -23.09
C VAL A 15 21.19 -25.98 -22.70
N GLU A 16 20.40 -25.52 -23.66
CA GLU A 16 18.93 -25.49 -23.56
C GLU A 16 18.42 -24.70 -22.34
N CYS A 17 18.75 -23.40 -22.36
CA CYS A 17 18.28 -22.46 -21.34
C CYS A 17 16.78 -22.62 -21.10
N ASP A 18 16.39 -22.45 -19.83
CA ASP A 18 15.15 -22.99 -19.31
C ASP A 18 14.24 -21.82 -18.93
N PHE A 19 13.10 -21.73 -19.63
CA PHE A 19 12.07 -20.72 -19.36
C PHE A 19 10.86 -21.23 -18.56
N SER A 20 10.97 -22.36 -17.87
CA SER A 20 9.82 -22.81 -17.08
C SER A 20 9.39 -21.85 -15.98
N PRO A 21 10.29 -21.29 -15.17
CA PRO A 21 9.84 -20.46 -14.03
C PRO A 21 8.99 -19.28 -14.43
N LEU A 22 9.07 -18.85 -15.69
CA LEU A 22 8.13 -17.89 -16.23
C LEU A 22 6.73 -18.48 -16.33
N LEU A 23 6.63 -19.80 -16.50
CA LEU A 23 5.36 -20.46 -16.75
C LEU A 23 4.73 -21.10 -15.51
N SER A 24 5.34 -20.95 -14.34
CA SER A 24 4.88 -21.64 -13.13
C SER A 24 4.52 -20.62 -12.06
N GLY A 25 3.23 -20.48 -11.79
CA GLY A 25 2.76 -19.68 -10.68
C GLY A 25 2.26 -18.32 -11.10
N THR A 26 2.10 -17.46 -10.09
CA THR A 26 1.60 -16.11 -10.30
C THR A 26 2.75 -15.16 -10.60
N PRO A 27 2.73 -14.46 -11.74
CA PRO A 27 3.80 -13.50 -12.02
C PRO A 27 3.73 -12.31 -11.08
N PRO A 28 4.87 -11.78 -10.67
CA PRO A 28 4.88 -10.61 -9.79
C PRO A 28 4.39 -9.37 -10.51
N GLN A 29 4.11 -8.34 -9.72
CA GLN A 29 3.78 -7.03 -10.28
C GLN A 29 5.04 -6.38 -10.86
N VAL A 30 4.84 -5.26 -11.56
CA VAL A 30 5.92 -4.68 -12.36
C VAL A 30 7.08 -4.24 -11.48
N TYR A 31 6.80 -3.66 -10.32
CA TYR A 31 7.86 -3.19 -9.43
C TYR A 31 8.56 -4.33 -8.71
N ASN A 32 8.04 -5.56 -8.78
CA ASN A 32 8.65 -6.72 -8.18
C ASN A 32 9.09 -7.74 -9.23
N PHE A 33 9.44 -7.25 -10.42
CA PHE A 33 9.71 -8.13 -11.56
C PHE A 33 10.74 -9.20 -11.22
N LYS A 34 10.51 -10.41 -11.72
CA LYS A 34 11.42 -11.53 -11.51
C LYS A 34 12.41 -11.60 -12.66
N ARG A 35 13.69 -11.71 -12.33
CA ARG A 35 14.76 -11.69 -13.30
C ARG A 35 15.32 -13.10 -13.51
N LEU A 36 15.48 -13.49 -14.76
CA LEU A 36 16.12 -14.75 -15.13
C LEU A 36 17.36 -14.43 -15.96
N VAL A 37 18.50 -15.01 -15.57
CA VAL A 37 19.77 -14.77 -16.22
C VAL A 37 20.25 -16.07 -16.86
N PHE A 38 20.73 -15.97 -18.10
CA PHE A 38 21.12 -17.14 -18.87
C PHE A 38 22.54 -16.96 -19.39
N THR A 39 23.41 -17.93 -19.08
CA THR A 39 24.74 -18.01 -19.66
C THR A 39 25.03 -19.46 -20.01
N ASN A 40 25.86 -19.65 -21.04
CA ASN A 40 26.33 -20.96 -21.47
C ASN A 40 25.19 -21.95 -21.68
N CYS A 41 24.27 -21.58 -22.58
CA CYS A 41 23.18 -22.47 -22.97
C CYS A 41 22.62 -21.96 -24.30
N ASN A 42 21.59 -22.66 -24.80
CA ASN A 42 21.06 -22.44 -26.14
C ASN A 42 19.55 -22.30 -26.09
N TYR A 43 19.02 -21.27 -26.78
CA TYR A 43 17.64 -20.85 -26.65
C TYR A 43 16.88 -20.98 -27.98
N ASN A 44 15.58 -21.20 -27.87
CA ASN A 44 14.63 -21.00 -28.97
C ASN A 44 13.56 -20.05 -28.44
N LEU A 45 13.71 -18.76 -28.76
CA LEU A 45 12.80 -17.74 -28.23
C LEU A 45 11.40 -17.87 -28.82
N THR A 46 11.32 -18.11 -30.14
CA THR A 46 10.02 -18.20 -30.79
C THR A 46 9.21 -19.40 -30.29
N LYS A 47 9.87 -20.40 -29.71
CA LYS A 47 9.14 -21.49 -29.08
C LYS A 47 8.42 -21.01 -27.82
N LEU A 48 9.08 -20.17 -27.02
CA LEU A 48 8.44 -19.63 -25.83
C LEU A 48 7.29 -18.69 -26.20
N LEU A 49 7.50 -17.83 -27.19
CA LEU A 49 6.47 -16.85 -27.54
C LEU A 49 5.26 -17.47 -28.21
N SER A 50 5.39 -18.68 -28.76
CA SER A 50 4.22 -19.35 -29.36
C SER A 50 3.16 -19.67 -28.32
N LEU A 51 3.56 -19.86 -27.06
CA LEU A 51 2.59 -20.13 -26.00
C LEU A 51 1.69 -18.95 -25.71
N PHE A 52 2.06 -17.75 -26.13
CA PHE A 52 1.37 -16.53 -25.75
C PHE A 52 0.75 -15.85 -26.96
N SER A 53 -0.24 -15.01 -26.69
CA SER A 53 -0.77 -14.07 -27.68
C SER A 53 0.04 -12.79 -27.57
N VAL A 54 0.90 -12.55 -28.56
CA VAL A 54 1.84 -11.44 -28.51
C VAL A 54 1.15 -10.20 -29.07
N ASN A 55 0.95 -9.20 -28.21
CA ASN A 55 0.28 -7.97 -28.59
C ASN A 55 1.26 -6.89 -29.03
N ASP A 56 2.41 -6.78 -28.38
CA ASP A 56 3.38 -5.75 -28.72
C ASP A 56 4.79 -6.32 -28.62
N PHE A 57 5.65 -5.89 -29.55
CA PHE A 57 7.03 -6.37 -29.62
C PHE A 57 7.87 -5.22 -30.18
N THR A 58 8.55 -4.47 -29.30
CA THR A 58 9.41 -3.39 -29.73
C THR A 58 10.77 -3.52 -29.05
N CYS A 59 11.81 -3.04 -29.74
CA CYS A 59 13.18 -3.18 -29.27
C CYS A 59 13.92 -1.86 -29.43
N SER A 60 15.16 -1.83 -28.93
CA SER A 60 16.09 -0.72 -29.08
C SER A 60 17.48 -1.26 -29.37
N GLN A 61 18.13 -0.73 -30.40
CA GLN A 61 19.43 -1.17 -30.91
C GLN A 61 19.41 -2.61 -31.40
N ILE A 62 18.23 -3.20 -31.61
CA ILE A 62 18.11 -4.57 -32.09
C ILE A 62 16.71 -4.71 -32.65
N SER A 63 16.52 -5.68 -33.54
CA SER A 63 15.20 -5.93 -34.08
C SER A 63 14.63 -7.23 -33.52
N PRO A 64 13.32 -7.43 -33.58
CA PRO A 64 12.75 -8.72 -33.11
C PRO A 64 13.31 -9.92 -33.86
N ALA A 65 13.55 -9.79 -35.16
CA ALA A 65 14.18 -10.86 -35.91
C ALA A 65 15.60 -11.11 -35.44
N ALA A 66 16.34 -10.03 -35.16
CA ALA A 66 17.74 -10.19 -34.78
C ALA A 66 17.89 -10.81 -33.40
N ILE A 67 16.99 -10.48 -32.46
CA ILE A 67 17.20 -10.94 -31.10
C ILE A 67 16.91 -12.43 -30.96
N ALA A 68 16.04 -12.99 -31.82
CA ALA A 68 15.76 -14.41 -31.77
C ALA A 68 16.84 -15.24 -32.44
N SER A 69 17.81 -14.63 -33.12
CA SER A 69 18.76 -15.38 -33.91
C SER A 69 20.18 -14.88 -33.74
N ASN A 70 20.51 -14.27 -32.60
CA ASN A 70 21.86 -13.78 -32.38
C ASN A 70 22.49 -14.46 -31.18
N CYS A 71 23.83 -14.37 -31.16
CA CYS A 71 24.66 -14.99 -30.15
C CYS A 71 25.08 -13.95 -29.13
N TYR A 72 24.78 -14.22 -27.86
CA TYR A 72 25.15 -13.30 -26.80
C TYR A 72 26.06 -13.96 -25.75
N SER A 73 26.71 -13.09 -24.97
CA SER A 73 27.45 -13.51 -23.77
C SER A 73 26.56 -13.58 -22.54
N SER A 74 25.35 -13.03 -22.61
CA SER A 74 24.42 -13.01 -21.49
C SER A 74 23.05 -12.59 -22.02
N LEU A 75 22.00 -13.26 -21.53
CA LEU A 75 20.63 -12.90 -21.83
C LEU A 75 19.87 -12.78 -20.52
N ILE A 76 19.35 -11.59 -20.24
CA ILE A 76 18.52 -11.33 -19.07
C ILE A 76 17.07 -11.20 -19.52
N LEU A 77 16.16 -11.85 -18.78
CA LEU A 77 14.73 -11.85 -19.10
C LEU A 77 13.93 -11.55 -17.85
N ASP A 78 13.41 -10.33 -17.75
CA ASP A 78 12.48 -9.98 -16.68
C ASP A 78 11.05 -10.24 -17.14
N TYR A 79 10.20 -10.62 -16.18
CA TYR A 79 8.81 -10.89 -16.48
C TYR A 79 7.96 -10.50 -15.28
N PHE A 80 6.73 -10.07 -15.57
CA PHE A 80 5.81 -9.59 -14.55
C PHE A 80 4.42 -9.54 -15.16
N SER A 81 3.42 -9.31 -14.29
CA SER A 81 2.08 -9.05 -14.77
C SER A 81 1.95 -7.57 -15.14
N TYR A 82 1.30 -7.32 -16.27
CA TYR A 82 1.19 -5.95 -16.77
C TYR A 82 -0.03 -5.78 -17.65
N PRO A 83 -0.88 -4.79 -17.37
CA PRO A 83 -2.08 -4.60 -18.17
C PRO A 83 -1.77 -3.88 -19.48
N LEU A 84 -2.46 -4.31 -20.53
CA LEU A 84 -2.28 -3.74 -21.85
C LEU A 84 -2.77 -2.29 -21.90
N SER A 85 -3.56 -1.88 -20.91
CA SER A 85 -4.02 -0.50 -20.82
C SER A 85 -2.84 0.46 -20.69
N MET A 86 -1.83 0.10 -19.88
CA MET A 86 -0.74 1.00 -19.49
C MET A 86 0.48 0.90 -20.41
N LYS A 87 0.28 0.48 -21.67
CA LYS A 87 1.39 0.28 -22.58
C LYS A 87 2.20 1.56 -22.78
N SER A 88 1.53 2.72 -22.81
CA SER A 88 2.21 4.00 -23.08
C SER A 88 3.10 4.43 -21.92
N ASP A 89 2.88 3.89 -20.72
CA ASP A 89 3.62 4.20 -19.51
C ASP A 89 5.02 3.59 -19.53
N LEU A 90 5.26 2.69 -20.48
CA LEU A 90 6.46 1.86 -20.56
C LEU A 90 7.51 2.50 -21.45
N SER A 91 7.49 3.82 -21.54
CA SER A 91 8.39 4.58 -22.37
C SER A 91 9.01 5.72 -21.56
N VAL A 92 10.31 5.92 -21.79
CA VAL A 92 11.04 6.98 -21.09
C VAL A 92 10.78 8.37 -21.67
N SER A 93 10.27 8.46 -22.90
CA SER A 93 9.95 9.76 -23.48
C SER A 93 8.94 10.47 -22.61
N SER A 94 7.96 9.74 -22.11
CA SER A 94 6.90 10.29 -21.27
C SER A 94 7.19 9.95 -19.82
N ALA A 95 6.83 10.87 -18.93
CA ALA A 95 6.96 10.64 -17.50
C ALA A 95 5.81 9.75 -17.04
N GLY A 96 5.90 8.48 -17.42
CA GLY A 96 4.97 7.51 -16.88
C GLY A 96 5.50 6.97 -15.57
N PRO A 97 4.61 6.72 -14.62
CA PRO A 97 5.05 6.16 -13.33
C PRO A 97 5.83 4.87 -13.48
N ILE A 98 5.46 4.02 -14.44
CA ILE A 98 6.16 2.74 -14.60
C ILE A 98 7.62 2.96 -14.95
N SER A 99 7.91 3.85 -15.91
CA SER A 99 9.28 4.02 -16.35
C SER A 99 10.11 4.86 -15.38
N GLN A 100 9.47 5.70 -14.57
CA GLN A 100 10.20 6.48 -13.58
C GLN A 100 10.40 5.74 -12.26
N PHE A 101 9.38 5.03 -11.79
CA PHE A 101 9.42 4.44 -10.46
C PHE A 101 9.33 2.93 -10.39
N ASN A 102 8.96 2.24 -11.46
CA ASN A 102 8.74 0.80 -11.37
C ASN A 102 9.75 -0.05 -12.14
N TYR A 103 9.94 0.22 -13.43
CA TYR A 103 10.76 -0.63 -14.27
C TYR A 103 11.45 0.21 -15.33
N LYS A 104 12.77 0.04 -15.45
CA LYS A 104 13.56 0.79 -16.42
C LYS A 104 14.67 -0.10 -16.94
N GLN A 105 14.73 -0.25 -18.27
CA GLN A 105 15.73 -1.08 -18.90
C GLN A 105 17.01 -0.28 -19.16
N SER A 106 18.10 -1.03 -19.37
CA SER A 106 19.40 -0.44 -19.63
C SER A 106 19.37 0.40 -20.90
N PHE A 107 19.92 1.61 -20.83
CA PHE A 107 20.04 2.48 -21.99
C PHE A 107 21.30 2.22 -22.79
N SER A 108 22.14 1.30 -22.32
CA SER A 108 23.42 1.04 -22.95
C SER A 108 23.57 -0.37 -23.51
N ASN A 109 22.63 -1.27 -23.26
CA ASN A 109 22.60 -2.57 -23.91
C ASN A 109 21.44 -2.67 -24.88
N PRO A 110 21.48 -3.59 -25.84
CA PRO A 110 20.29 -3.83 -26.68
C PRO A 110 19.18 -4.45 -25.84
N THR A 111 17.97 -3.93 -26.01
CA THR A 111 16.85 -4.32 -25.17
C THR A 111 15.62 -4.56 -26.04
N CYS A 112 14.69 -5.36 -25.50
CA CYS A 112 13.38 -5.54 -26.11
C CYS A 112 12.32 -5.56 -25.02
N LEU A 113 11.10 -5.20 -25.38
CA LEU A 113 9.96 -5.22 -24.49
C LEU A 113 8.81 -5.90 -25.19
N ILE A 114 8.18 -6.87 -24.53
CA ILE A 114 7.11 -7.65 -25.13
C ILE A 114 5.88 -7.61 -24.22
N LEU A 115 4.73 -7.28 -24.79
CA LEU A 115 3.46 -7.32 -24.09
C LEU A 115 2.65 -8.49 -24.65
N ALA A 116 2.22 -9.39 -23.78
CA ALA A 116 1.56 -10.61 -24.23
C ALA A 116 0.40 -10.96 -23.32
N THR A 117 -0.53 -11.73 -23.89
CA THR A 117 -1.74 -12.21 -23.22
C THR A 117 -1.65 -13.71 -23.03
N VAL A 118 -1.72 -14.15 -21.78
CA VAL A 118 -1.65 -15.58 -21.48
C VAL A 118 -3.00 -16.18 -21.84
N PRO A 119 -3.06 -17.12 -22.79
CA PRO A 119 -4.36 -17.71 -23.14
C PRO A 119 -4.93 -18.51 -21.99
N HIS A 120 -6.18 -18.93 -22.18
CA HIS A 120 -6.83 -19.86 -21.25
C HIS A 120 -6.22 -21.25 -21.31
N ASN A 121 -5.84 -21.72 -22.51
CA ASN A 121 -5.27 -23.06 -22.64
C ASN A 121 -3.97 -23.18 -21.87
N LEU A 122 -3.32 -22.06 -21.57
CA LEU A 122 -2.11 -22.03 -20.76
C LEU A 122 -2.53 -21.92 -19.31
N THR A 123 -2.59 -23.06 -18.63
CA THR A 123 -3.16 -23.22 -17.30
C THR A 123 -2.11 -23.14 -16.21
N THR A 124 -0.83 -23.24 -16.56
CA THR A 124 0.26 -23.29 -15.60
C THR A 124 0.59 -21.94 -15.01
N ILE A 125 0.04 -20.86 -15.57
CA ILE A 125 0.18 -19.51 -15.05
C ILE A 125 -1.11 -19.12 -14.33
N THR A 126 -0.99 -18.47 -13.18
CA THR A 126 -2.14 -18.14 -12.35
C THR A 126 -2.22 -16.64 -12.16
N LYS A 127 -3.44 -16.10 -12.23
CA LYS A 127 -3.66 -14.67 -12.17
C LYS A 127 -3.69 -14.19 -10.73
N PRO A 128 -3.11 -13.02 -10.45
CA PRO A 128 -3.32 -12.37 -9.16
C PRO A 128 -4.72 -11.76 -9.10
N LEU A 129 -5.03 -11.15 -7.95
CA LEU A 129 -6.30 -10.47 -7.81
C LEU A 129 -6.41 -9.26 -8.73
N LYS A 130 -5.30 -8.55 -8.96
CA LYS A 130 -5.33 -7.31 -9.72
C LYS A 130 -3.91 -6.96 -10.13
N TYR A 131 -3.79 -5.91 -10.96
CA TYR A 131 -2.50 -5.33 -11.30
C TYR A 131 -2.25 -4.13 -10.37
N SER A 132 -1.11 -4.16 -9.68
CA SER A 132 -0.66 -3.03 -8.88
C SER A 132 0.57 -2.39 -9.51
N TYR A 133 0.86 -1.16 -9.07
CA TYR A 133 2.06 -0.45 -9.50
C TYR A 133 2.26 0.76 -8.60
N ILE A 134 3.48 1.27 -8.60
CA ILE A 134 3.84 2.45 -7.81
C ILE A 134 3.59 3.69 -8.64
N ASN A 135 2.72 4.58 -8.15
CA ASN A 135 2.44 5.83 -8.85
C ASN A 135 3.32 6.99 -8.40
N LYS A 136 4.03 6.85 -7.28
CA LYS A 136 4.87 7.92 -6.77
C LYS A 136 5.88 7.34 -5.80
N CYS A 137 7.12 7.83 -5.88
CA CYS A 137 8.17 7.43 -4.94
C CYS A 137 9.13 8.62 -4.84
N SER A 138 9.01 9.38 -3.74
CA SER A 138 9.72 10.63 -3.55
C SER A 138 10.33 10.65 -2.16
N ARG A 139 11.21 11.64 -1.93
CA ARG A 139 11.96 11.77 -0.69
C ARG A 139 11.79 13.18 -0.15
N LEU A 140 11.42 13.28 1.12
CA LEU A 140 11.19 14.57 1.76
C LEU A 140 12.47 15.05 2.44
N LEU A 141 12.90 16.26 2.09
CA LEU A 141 14.15 16.81 2.61
C LEU A 141 13.94 17.35 4.04
N SER A 142 15.03 17.82 4.64
CA SER A 142 14.99 18.23 6.04
C SER A 142 14.15 19.49 6.27
N ASP A 143 13.96 20.33 5.24
CA ASP A 143 13.09 21.48 5.41
C ASP A 143 11.61 21.09 5.50
N ASP A 144 11.33 19.79 5.35
CA ASP A 144 9.94 19.27 5.41
C ASP A 144 9.07 20.08 4.44
N ARG A 145 9.57 20.33 3.23
CA ARG A 145 8.82 21.11 2.22
C ARG A 145 9.15 20.60 0.80
N THR A 146 10.44 20.38 0.52
CA THR A 146 10.84 19.91 -0.80
C THR A 146 10.65 18.41 -0.93
N GLU A 147 10.01 17.98 -2.01
CA GLU A 147 9.90 16.58 -2.38
C GLU A 147 10.78 16.32 -3.60
N VAL A 148 11.65 15.34 -3.50
CA VAL A 148 12.56 14.95 -4.58
C VAL A 148 12.13 13.59 -5.09
N PRO A 149 11.82 13.43 -6.38
CA PRO A 149 11.46 12.11 -6.90
C PRO A 149 12.62 11.14 -6.82
N GLN A 150 12.30 9.87 -6.60
CA GLN A 150 13.27 8.80 -6.46
C GLN A 150 13.11 7.86 -7.66
N LEU A 151 13.83 8.18 -8.73
CA LEU A 151 13.67 7.47 -10.00
C LEU A 151 14.40 6.13 -9.97
N VAL A 152 13.74 5.11 -10.53
CA VAL A 152 14.32 3.77 -10.59
C VAL A 152 15.44 3.74 -11.63
N ASN A 153 16.51 3.03 -11.32
CA ASN A 153 17.65 2.90 -12.21
C ASN A 153 17.55 1.61 -13.02
N ALA A 154 18.29 1.58 -14.13
CA ALA A 154 18.38 0.38 -14.95
C ALA A 154 18.89 -0.81 -14.13
N ASN A 155 18.19 -1.94 -14.27
CA ASN A 155 18.53 -3.23 -13.67
C ASN A 155 18.34 -3.26 -12.16
N GLN A 156 17.77 -2.22 -11.56
CA GLN A 156 17.52 -2.19 -10.13
C GLN A 156 16.04 -2.06 -9.85
N TYR A 157 15.63 -2.52 -8.66
CA TYR A 157 14.29 -2.27 -8.20
C TYR A 157 14.18 -0.85 -7.65
N SER A 158 12.95 -0.38 -7.49
CA SER A 158 12.71 0.95 -6.96
C SER A 158 13.19 1.05 -5.52
N PRO A 159 13.73 2.20 -5.10
CA PRO A 159 14.05 2.42 -3.68
C PRO A 159 12.88 2.16 -2.73
N CYS A 160 11.66 2.28 -3.25
CA CYS A 160 10.44 2.24 -2.44
C CYS A 160 9.86 0.84 -2.29
N VAL A 161 10.52 -0.18 -2.86
CA VAL A 161 10.01 -1.55 -2.76
C VAL A 161 10.10 -2.09 -1.34
N SER A 162 10.90 -1.45 -0.48
CA SER A 162 11.03 -1.88 0.90
C SER A 162 9.79 -1.57 1.72
N ILE A 163 8.99 -0.59 1.30
CA ILE A 163 7.80 -0.16 2.03
C ILE A 163 6.52 -0.40 1.25
N VAL A 164 6.60 -0.89 0.02
CA VAL A 164 5.43 -1.17 -0.81
C VAL A 164 5.25 -2.68 -0.88
N PRO A 165 4.08 -3.21 -0.53
CA PRO A 165 3.89 -4.67 -0.56
C PRO A 165 3.82 -5.19 -1.98
N SER A 166 3.97 -6.52 -2.10
CA SER A 166 3.88 -7.17 -3.39
C SER A 166 2.51 -7.03 -4.04
N THR A 167 1.50 -6.54 -3.30
CA THR A 167 0.19 -6.28 -3.87
C THR A 167 -0.40 -5.08 -3.14
N VAL A 168 -0.77 -4.04 -3.89
CA VAL A 168 -1.39 -2.87 -3.28
C VAL A 168 -2.78 -3.25 -2.79
N TRP A 169 -3.03 -3.05 -1.50
CA TRP A 169 -4.32 -3.42 -0.93
C TRP A 169 -5.45 -2.57 -1.48
N GLU A 170 -5.31 -1.24 -1.37
CA GLU A 170 -6.35 -0.31 -1.78
C GLU A 170 -5.72 0.77 -2.65
N ASP A 171 -6.39 1.09 -3.76
CA ASP A 171 -5.91 2.13 -4.65
C ASP A 171 -5.84 3.46 -3.92
N GLY A 172 -4.66 4.06 -3.90
CA GLY A 172 -4.44 5.30 -3.18
C GLY A 172 -3.71 5.15 -1.86
N ASP A 173 -3.37 3.93 -1.47
CA ASP A 173 -2.63 3.71 -0.23
C ASP A 173 -1.29 4.46 -0.28
N TYR A 174 -0.85 4.93 0.89
CA TYR A 174 0.37 5.71 1.00
C TYR A 174 1.34 5.00 1.94
N TYR A 175 2.62 5.07 1.62
CA TYR A 175 3.66 4.41 2.41
C TYR A 175 4.78 5.40 2.69
N ARG A 176 5.29 5.37 3.91
CA ARG A 176 6.38 6.26 4.32
C ARG A 176 7.33 5.53 5.25
N LYS A 177 8.60 5.93 5.22
CA LYS A 177 9.62 5.37 6.08
C LYS A 177 10.58 6.46 6.52
N GLN A 178 10.78 6.59 7.82
CA GLN A 178 11.77 7.53 8.36
C GLN A 178 13.17 6.99 8.15
N LEU A 179 14.05 7.80 7.58
CA LEU A 179 15.39 7.38 7.23
C LEU A 179 16.38 7.78 8.32
N SER A 180 17.42 6.97 8.47
CA SER A 180 18.45 7.21 9.47
C SER A 180 19.45 8.24 8.96
N PRO A 181 20.31 8.78 9.84
CA PRO A 181 21.38 9.66 9.36
C PRO A 181 22.28 9.02 8.32
N LEU A 182 22.51 7.71 8.47
CA LEU A 182 23.38 6.95 7.53
C LEU A 182 22.71 6.91 6.15
N GLU A 183 21.38 6.99 6.11
CA GLU A 183 20.62 6.96 4.82
C GLU A 183 20.54 8.39 4.25
N GLY A 184 20.66 9.39 5.13
CA GLY A 184 20.60 10.78 4.72
C GLY A 184 19.51 11.60 5.38
N GLY A 185 18.72 11.01 6.28
CA GLY A 185 17.65 11.74 6.93
C GLY A 185 16.41 11.83 6.06
N GLY A 186 15.42 12.54 6.59
CA GLY A 186 14.17 12.75 5.88
C GLY A 186 13.31 11.51 5.82
N TRP A 187 12.25 11.62 5.02
CA TRP A 187 11.27 10.56 4.87
C TRP A 187 11.23 10.07 3.43
N LEU A 188 10.99 8.77 3.26
CA LEU A 188 10.78 8.16 1.95
C LEU A 188 9.29 7.89 1.78
N VAL A 189 8.67 8.54 0.80
CA VAL A 189 7.23 8.49 0.63
C VAL A 189 6.89 7.79 -0.68
N ALA A 190 5.89 6.91 -0.64
CA ALA A 190 5.40 6.22 -1.82
C ALA A 190 3.89 6.08 -1.75
N SER A 191 3.26 5.96 -2.91
CA SER A 191 1.85 5.60 -3.02
C SER A 191 1.69 4.58 -4.14
N GLY A 192 0.76 3.65 -3.97
CA GLY A 192 0.49 2.62 -4.96
C GLY A 192 -0.90 2.74 -5.53
N SER A 193 -1.06 2.27 -6.76
CA SER A 193 -2.37 2.22 -7.41
C SER A 193 -2.59 0.81 -7.96
N THR A 194 -3.86 0.51 -8.25
CA THR A 194 -4.28 -0.81 -8.73
C THR A 194 -5.15 -0.67 -9.96
N VAL A 195 -5.11 -1.69 -10.82
CA VAL A 195 -5.91 -1.77 -12.03
C VAL A 195 -6.61 -3.11 -12.02
N ALA A 196 -7.88 -3.12 -12.43
CA ALA A 196 -8.69 -4.32 -12.30
C ALA A 196 -8.16 -5.43 -13.19
N MET A 197 -8.28 -6.67 -12.71
CA MET A 197 -7.82 -7.81 -13.46
C MET A 197 -8.65 -7.98 -14.74
N THR A 198 -8.00 -8.42 -15.81
CA THR A 198 -8.65 -8.66 -17.08
C THR A 198 -9.14 -10.10 -17.14
N GLU A 199 -9.88 -10.40 -18.22
CA GLU A 199 -10.36 -11.77 -18.44
C GLU A 199 -9.20 -12.74 -18.48
N GLN A 200 -8.24 -12.51 -19.38
CA GLN A 200 -7.02 -13.30 -19.43
C GLN A 200 -5.86 -12.45 -18.95
N LEU A 201 -4.95 -13.07 -18.20
CA LEU A 201 -3.80 -12.35 -17.67
C LEU A 201 -2.97 -11.75 -18.80
N GLN A 202 -2.47 -10.55 -18.57
CA GLN A 202 -1.58 -9.87 -19.51
C GLN A 202 -0.26 -9.63 -18.81
N MET A 203 0.85 -9.95 -19.49
CA MET A 203 2.17 -9.91 -18.88
C MET A 203 3.10 -9.03 -19.70
N GLY A 204 4.20 -8.64 -19.05
CA GLY A 204 5.29 -7.95 -19.71
C GLY A 204 6.55 -8.78 -19.67
N PHE A 205 7.37 -8.66 -20.71
CA PHE A 205 8.63 -9.39 -20.81
C PHE A 205 9.71 -8.42 -21.28
N GLY A 206 10.69 -8.16 -20.42
CA GLY A 206 11.84 -7.35 -20.79
C GLY A 206 13.07 -8.19 -21.01
N ILE A 207 13.68 -8.07 -22.19
CA ILE A 207 14.87 -8.84 -22.55
C ILE A 207 16.04 -7.88 -22.74
N THR A 208 17.16 -8.20 -22.11
CA THR A 208 18.41 -7.49 -22.31
C THR A 208 19.49 -8.48 -22.72
N VAL A 209 20.38 -8.06 -23.62
CA VAL A 209 21.46 -8.91 -24.09
C VAL A 209 22.77 -8.15 -24.02
N GLN A 210 23.86 -8.89 -23.82
CA GLN A 210 25.20 -8.35 -23.86
C GLN A 210 26.05 -9.13 -24.85
N TYR A 211 26.90 -8.42 -25.59
CA TYR A 211 27.87 -9.05 -26.48
C TYR A 211 29.25 -9.02 -25.83
N GLY A 212 29.99 -10.12 -25.95
CA GLY A 212 31.36 -10.19 -25.52
C GLY A 212 32.34 -10.21 -26.68
N THR A 213 33.54 -10.74 -26.40
CA THR A 213 34.51 -11.00 -27.46
C THR A 213 34.59 -12.48 -27.83
N ASP A 214 34.81 -13.34 -26.82
CA ASP A 214 34.69 -14.79 -26.95
C ASP A 214 33.54 -15.36 -26.13
N THR A 215 33.02 -14.58 -25.18
CA THR A 215 32.08 -15.00 -24.15
C THR A 215 30.69 -15.28 -24.70
N ASN A 216 30.47 -15.19 -26.01
CA ASN A 216 29.13 -15.19 -26.59
C ASN A 216 28.61 -16.63 -26.56
N SER A 217 28.15 -17.03 -25.37
CA SER A 217 27.82 -18.42 -25.07
C SER A 217 26.31 -18.66 -24.98
N VAL A 218 25.48 -17.64 -25.26
CA VAL A 218 24.05 -17.89 -25.41
C VAL A 218 23.71 -17.80 -26.89
N CYS A 219 23.68 -18.97 -27.58
CA CYS A 219 23.42 -19.03 -29.01
C CYS A 219 22.10 -19.73 -29.30
N PRO A 220 21.42 -19.35 -30.38
CA PRO A 220 20.14 -19.99 -30.71
C PRO A 220 20.31 -21.45 -31.10
N LYS A 221 19.29 -22.23 -30.75
CA LYS A 221 19.22 -23.66 -31.06
C LYS A 221 18.84 -23.90 -32.52
N LEU A 222 19.54 -24.82 -33.17
CA LEU A 222 19.07 -25.38 -34.44
C LEU A 222 19.62 -26.79 -34.62
N VAL B 15 -30.15 21.43 15.75
CA VAL B 15 -29.29 22.19 16.66
C VAL B 15 -28.58 21.18 17.57
N GLU B 16 -27.61 21.64 18.38
CA GLU B 16 -27.06 20.88 19.53
C GLU B 16 -26.48 19.53 19.06
N CYS B 17 -25.49 19.64 18.18
CA CYS B 17 -24.48 18.60 18.12
C CYS B 17 -24.01 18.32 19.56
N ASP B 18 -23.86 17.04 19.92
CA ASP B 18 -23.44 16.68 21.28
C ASP B 18 -22.11 15.92 21.25
N PHE B 19 -21.04 16.57 21.71
CA PHE B 19 -19.73 15.91 21.80
C PHE B 19 -19.41 15.36 23.19
N SER B 20 -20.38 15.29 24.10
CA SER B 20 -20.08 14.91 25.47
C SER B 20 -19.76 13.43 25.70
N PRO B 21 -20.41 12.48 25.01
CA PRO B 21 -20.03 11.06 25.18
C PRO B 21 -18.54 10.81 25.01
N LEU B 22 -17.86 11.63 24.21
CA LEU B 22 -16.41 11.60 24.12
C LEU B 22 -15.75 11.95 25.46
N LEU B 23 -16.48 12.59 26.37
CA LEU B 23 -15.94 13.04 27.64
C LEU B 23 -16.29 12.13 28.81
N SER B 24 -17.30 11.27 28.66
CA SER B 24 -17.77 10.42 29.75
C SER B 24 -17.33 8.99 29.52
N GLY B 25 -16.44 8.51 30.37
CA GLY B 25 -16.02 7.12 30.40
C GLY B 25 -14.55 6.94 30.05
N THR B 26 -14.24 5.74 29.57
CA THR B 26 -12.89 5.38 29.14
C THR B 26 -12.87 5.22 27.63
N PRO B 27 -12.11 6.03 26.89
CA PRO B 27 -12.06 5.87 25.43
C PRO B 27 -11.53 4.51 25.05
N PRO B 28 -12.03 3.92 23.96
CA PRO B 28 -11.59 2.60 23.53
C PRO B 28 -10.20 2.66 22.89
N GLN B 29 -9.69 1.47 22.57
CA GLN B 29 -8.43 1.38 21.84
C GLN B 29 -8.64 1.74 20.37
N VAL B 30 -7.54 1.82 19.63
CA VAL B 30 -7.59 2.37 18.28
C VAL B 30 -8.42 1.45 17.37
N TYR B 31 -8.35 0.13 17.57
CA TYR B 31 -9.12 -0.77 16.72
C TYR B 31 -10.60 -0.80 17.08
N ASN B 32 -10.96 -0.37 18.29
CA ASN B 32 -12.36 -0.28 18.72
C ASN B 32 -12.87 1.16 18.71
N PHE B 33 -12.32 2.01 17.85
CA PHE B 33 -12.68 3.43 17.86
C PHE B 33 -14.18 3.65 17.84
N LYS B 34 -14.65 4.52 18.72
CA LYS B 34 -16.06 4.87 18.76
C LYS B 34 -16.36 5.94 17.72
N ARG B 35 -17.43 5.74 16.96
CA ARG B 35 -17.78 6.61 15.84
C ARG B 35 -19.06 7.35 16.15
N LEU B 36 -19.00 8.67 16.16
CA LEU B 36 -20.17 9.52 16.32
C LEU B 36 -20.52 10.18 14.99
N VAL B 37 -21.76 10.02 14.56
CA VAL B 37 -22.26 10.59 13.31
C VAL B 37 -23.24 11.70 13.66
N PHE B 38 -23.06 12.87 13.03
CA PHE B 38 -23.88 14.05 13.31
C PHE B 38 -24.53 14.54 12.02
N THR B 39 -25.83 14.82 12.10
CA THR B 39 -26.56 15.44 11.01
C THR B 39 -27.52 16.47 11.59
N ASN B 40 -27.71 17.57 10.86
CA ASN B 40 -28.73 18.57 11.18
C ASN B 40 -28.53 19.14 12.59
N CYS B 41 -27.39 19.76 12.80
CA CYS B 41 -27.08 20.35 14.10
C CYS B 41 -26.01 21.42 13.91
N ASN B 42 -25.60 22.01 15.03
CA ASN B 42 -24.67 23.14 15.03
C ASN B 42 -23.53 22.85 16.00
N TYR B 43 -22.31 22.83 15.49
CA TYR B 43 -21.14 22.48 16.28
C TYR B 43 -20.32 23.71 16.64
N ASN B 44 -19.51 23.56 17.69
CA ASN B 44 -18.40 24.46 18.01
C ASN B 44 -17.22 23.53 18.33
N LEU B 45 -16.40 23.23 17.32
CA LEU B 45 -15.27 22.33 17.54
C LEU B 45 -14.17 23.00 18.35
N THR B 46 -13.98 24.31 18.17
CA THR B 46 -12.97 25.03 18.93
C THR B 46 -13.19 24.87 20.43
N LYS B 47 -14.45 24.93 20.87
CA LYS B 47 -14.77 24.69 22.27
C LYS B 47 -14.27 23.32 22.73
N LEU B 48 -14.63 22.26 21.99
CA LEU B 48 -14.17 20.92 22.32
C LEU B 48 -12.66 20.85 22.40
N LEU B 49 -11.96 21.45 21.43
CA LEU B 49 -10.51 21.37 21.38
C LEU B 49 -9.86 22.18 22.50
N SER B 50 -10.59 23.13 23.10
CA SER B 50 -10.04 23.88 24.21
C SER B 50 -9.90 23.03 25.46
N LEU B 51 -10.76 22.02 25.62
CA LEU B 51 -10.66 21.12 26.76
C LEU B 51 -9.34 20.35 26.77
N PHE B 52 -8.73 20.16 25.60
CA PHE B 52 -7.57 19.30 25.45
C PHE B 52 -6.32 20.11 25.15
N SER B 53 -5.18 19.44 25.22
CA SER B 53 -3.86 20.00 24.91
C SER B 53 -3.41 19.36 23.60
N VAL B 54 -3.74 20.01 22.48
CA VAL B 54 -3.53 19.42 21.17
C VAL B 54 -2.04 19.41 20.84
N ASN B 55 -1.55 18.25 20.39
CA ASN B 55 -0.15 18.07 20.04
C ASN B 55 0.08 17.93 18.55
N ASP B 56 -0.94 17.59 17.78
CA ASP B 56 -0.82 17.48 16.33
C ASP B 56 -2.19 17.66 15.71
N PHE B 57 -2.22 18.32 14.56
CA PHE B 57 -3.47 18.61 13.85
C PHE B 57 -3.14 18.57 12.36
N THR B 58 -3.42 17.43 11.73
CA THR B 58 -3.08 17.19 10.35
C THR B 58 -4.36 16.90 9.58
N CYS B 59 -4.41 17.32 8.32
CA CYS B 59 -5.61 17.19 7.52
C CYS B 59 -5.29 16.67 6.14
N SER B 60 -6.36 16.30 5.42
CA SER B 60 -6.31 15.88 4.03
C SER B 60 -7.47 16.52 3.28
N GLN B 61 -7.17 17.24 2.20
CA GLN B 61 -8.15 17.93 1.36
C GLN B 61 -9.00 18.93 2.14
N ILE B 62 -8.51 19.38 3.30
CA ILE B 62 -9.19 20.39 4.09
C ILE B 62 -8.13 20.95 5.04
N SER B 63 -8.36 22.16 5.52
CA SER B 63 -7.44 22.75 6.47
C SER B 63 -8.09 22.85 7.85
N PRO B 64 -7.29 22.96 8.91
CA PRO B 64 -7.89 23.10 10.25
C PRO B 64 -8.80 24.30 10.37
N ALA B 65 -8.41 25.42 9.78
CA ALA B 65 -9.28 26.60 9.77
C ALA B 65 -10.60 26.31 9.05
N ALA B 66 -10.54 25.58 7.94
CA ALA B 66 -11.75 25.36 7.14
C ALA B 66 -12.68 24.35 7.80
N ILE B 67 -12.14 23.29 8.41
CA ILE B 67 -12.99 22.26 8.99
C ILE B 67 -13.78 22.78 10.19
N ALA B 68 -13.32 23.86 10.82
CA ALA B 68 -14.05 24.45 11.93
C ALA B 68 -15.14 25.43 11.50
N SER B 69 -15.15 25.86 10.24
CA SER B 69 -16.01 26.96 9.82
C SER B 69 -16.72 26.65 8.52
N ASN B 70 -17.09 25.39 8.30
CA ASN B 70 -17.78 25.00 7.06
C ASN B 70 -19.04 24.21 7.40
N CYS B 71 -19.94 24.18 6.42
CA CYS B 71 -21.20 23.43 6.52
C CYS B 71 -21.07 22.10 5.78
N TYR B 72 -21.61 21.04 6.37
CA TYR B 72 -21.45 19.69 5.84
C TYR B 72 -22.79 18.94 5.83
N SER B 73 -22.89 17.96 4.94
CA SER B 73 -24.00 17.03 4.92
C SER B 73 -23.86 15.91 5.94
N SER B 74 -22.69 15.76 6.54
CA SER B 74 -22.40 14.71 7.51
C SER B 74 -21.08 15.06 8.20
N LEU B 75 -21.02 14.80 9.51
CA LEU B 75 -19.77 14.95 10.25
C LEU B 75 -19.58 13.69 11.09
N ILE B 76 -18.54 12.94 10.77
CA ILE B 76 -18.19 11.71 11.47
C ILE B 76 -17.01 12.00 12.39
N LEU B 77 -17.16 11.70 13.67
CA LEU B 77 -16.10 11.90 14.66
C LEU B 77 -15.73 10.56 15.27
N ASP B 78 -14.47 10.17 15.13
CA ASP B 78 -13.94 8.97 15.77
C ASP B 78 -12.94 9.37 16.85
N TYR B 79 -13.02 8.70 18.00
CA TYR B 79 -12.09 8.94 19.09
C TYR B 79 -11.68 7.63 19.72
N PHE B 80 -10.45 7.60 20.23
CA PHE B 80 -9.84 6.39 20.78
C PHE B 80 -8.62 6.80 21.58
N SER B 81 -8.19 5.88 22.46
CA SER B 81 -6.96 6.09 23.22
C SER B 81 -5.75 5.83 22.33
N TYR B 82 -4.80 6.75 22.33
CA TYR B 82 -3.62 6.61 21.46
C TYR B 82 -2.41 7.37 22.00
N PRO B 83 -1.30 6.69 22.24
CA PRO B 83 -0.12 7.36 22.78
C PRO B 83 0.56 8.25 21.75
N LEU B 84 1.17 9.32 22.25
CA LEU B 84 1.88 10.27 21.38
C LEU B 84 3.19 9.71 20.86
N SER B 85 3.75 8.69 21.51
CA SER B 85 5.02 8.12 21.07
C SER B 85 4.86 7.26 19.82
N MET B 86 3.62 6.98 19.41
CA MET B 86 3.32 6.26 18.18
C MET B 86 2.90 7.20 17.05
N LYS B 87 3.20 8.49 17.20
CA LYS B 87 2.96 9.46 16.12
C LYS B 87 3.67 9.05 14.85
N SER B 88 4.87 8.48 14.98
CA SER B 88 5.60 7.97 13.81
C SER B 88 4.87 6.80 13.17
N ASP B 89 4.21 5.96 13.98
CA ASP B 89 3.43 4.82 13.49
C ASP B 89 2.18 5.25 12.73
N LEU B 90 1.93 6.55 12.66
CA LEU B 90 0.84 7.16 11.90
C LEU B 90 1.30 7.73 10.57
N SER B 91 2.53 8.25 10.52
CA SER B 91 3.07 8.97 9.38
C SER B 91 3.67 8.03 8.34
N VAL B 92 3.54 6.72 8.57
CA VAL B 92 4.14 5.66 7.76
C VAL B 92 3.11 4.97 6.86
N SER B 93 1.89 5.51 6.76
CA SER B 93 0.67 4.81 7.16
C SER B 93 0.59 3.35 6.71
N SER B 94 0.65 3.05 5.42
CA SER B 94 0.44 1.65 5.06
C SER B 94 1.71 0.80 5.19
N ALA B 95 2.82 1.39 5.63
CA ALA B 95 4.01 0.62 6.00
C ALA B 95 3.92 0.14 7.43
N GLY B 96 3.25 0.90 8.29
CA GLY B 96 3.07 0.55 9.68
C GLY B 96 1.74 -0.15 9.91
N PRO B 97 1.57 -0.71 11.12
CA PRO B 97 0.42 -1.60 11.37
C PRO B 97 -0.85 -0.87 11.75
N ILE B 98 -0.77 0.42 12.05
CA ILE B 98 -1.96 1.17 12.45
C ILE B 98 -2.91 1.33 11.28
N SER B 99 -2.40 1.67 10.09
CA SER B 99 -3.26 1.83 8.94
C SER B 99 -3.42 0.53 8.15
N GLN B 100 -2.61 -0.49 8.45
CA GLN B 100 -2.89 -1.82 7.92
C GLN B 100 -4.02 -2.51 8.68
N PHE B 101 -3.97 -2.47 10.01
CA PHE B 101 -4.79 -3.34 10.83
C PHE B 101 -5.73 -2.65 11.81
N ASN B 102 -5.52 -1.37 12.14
CA ASN B 102 -6.34 -0.76 13.18
C ASN B 102 -7.29 0.32 12.68
N TYR B 103 -6.80 1.31 11.95
CA TYR B 103 -7.60 2.48 11.63
C TYR B 103 -7.13 3.11 10.33
N LYS B 104 -8.07 3.46 9.46
CA LYS B 104 -7.76 4.12 8.20
C LYS B 104 -8.94 5.00 7.82
N GLN B 105 -8.68 6.29 7.60
CA GLN B 105 -9.72 7.24 7.27
C GLN B 105 -10.02 7.24 5.76
N SER B 106 -11.08 7.94 5.39
CA SER B 106 -11.55 7.93 4.01
C SER B 106 -10.49 8.48 3.05
N PHE B 107 -10.44 7.89 1.86
CA PHE B 107 -9.75 8.50 0.72
C PHE B 107 -10.63 9.49 -0.02
N SER B 108 -11.95 9.27 0.00
CA SER B 108 -12.88 9.96 -0.87
C SER B 108 -13.48 11.21 -0.25
N ASN B 109 -13.57 11.27 1.08
CA ASN B 109 -14.02 12.49 1.74
C ASN B 109 -12.86 13.13 2.52
N PRO B 110 -12.90 14.44 2.72
CA PRO B 110 -11.81 15.10 3.47
C PRO B 110 -11.76 14.64 4.91
N THR B 111 -10.55 14.54 5.45
CA THR B 111 -10.32 14.01 6.79
C THR B 111 -9.27 14.84 7.52
N CYS B 112 -9.39 14.87 8.85
CA CYS B 112 -8.37 15.43 9.73
C CYS B 112 -8.12 14.46 10.87
N LEU B 113 -6.90 14.51 11.42
CA LEU B 113 -6.50 13.65 12.52
C LEU B 113 -5.81 14.49 13.59
N ILE B 114 -6.39 14.51 14.79
CA ILE B 114 -5.91 15.32 15.89
C ILE B 114 -5.38 14.41 16.98
N LEU B 115 -4.16 14.69 17.44
CA LEU B 115 -3.54 13.95 18.53
C LEU B 115 -3.46 14.87 19.74
N ALA B 116 -4.16 14.50 20.81
CA ALA B 116 -4.45 15.39 21.91
C ALA B 116 -4.10 14.72 23.23
N THR B 117 -3.82 15.53 24.22
CA THR B 117 -3.59 15.07 25.57
C THR B 117 -4.77 15.44 26.43
N VAL B 118 -5.19 14.52 27.29
CA VAL B 118 -6.20 14.88 28.29
C VAL B 118 -5.49 15.63 29.41
N PRO B 119 -5.97 16.80 29.81
CA PRO B 119 -5.35 17.46 30.95
C PRO B 119 -6.01 16.93 32.21
N HIS B 120 -5.41 17.30 33.34
CA HIS B 120 -5.95 16.86 34.62
C HIS B 120 -7.30 17.50 34.92
N ASN B 121 -7.50 18.78 34.54
CA ASN B 121 -8.81 19.41 34.79
C ASN B 121 -9.95 18.49 34.33
N LEU B 122 -9.78 17.84 33.18
CA LEU B 122 -10.79 16.89 32.72
C LEU B 122 -10.78 15.66 33.62
N THR B 123 -11.81 15.54 34.45
CA THR B 123 -11.92 14.44 35.41
C THR B 123 -12.83 13.32 34.94
N THR B 124 -13.75 13.60 34.02
CA THR B 124 -14.72 12.61 33.57
C THR B 124 -14.13 11.58 32.62
N ILE B 125 -12.90 11.76 32.17
CA ILE B 125 -12.25 10.79 31.29
C ILE B 125 -11.27 9.98 32.15
N THR B 126 -11.55 8.69 32.29
CA THR B 126 -10.71 7.79 33.06
C THR B 126 -9.83 6.97 32.12
N LYS B 127 -8.59 6.75 32.55
CA LYS B 127 -7.62 6.07 31.70
C LYS B 127 -7.83 4.56 31.72
N PRO B 128 -7.49 3.88 30.63
CA PRO B 128 -7.45 2.42 30.65
C PRO B 128 -6.11 1.91 31.15
N LEU B 129 -5.94 0.59 31.21
CA LEU B 129 -4.72 0.02 31.76
C LEU B 129 -3.52 0.34 30.89
N LYS B 130 -3.64 0.16 29.58
CA LYS B 130 -2.53 0.40 28.67
C LYS B 130 -3.09 0.61 27.27
N TYR B 131 -2.21 1.07 26.38
CA TYR B 131 -2.56 1.21 24.97
C TYR B 131 -2.39 -0.14 24.28
N SER B 132 -3.39 -0.54 23.49
CA SER B 132 -3.34 -1.78 22.75
C SER B 132 -3.63 -1.52 21.28
N TYR B 133 -2.94 -2.25 20.40
CA TYR B 133 -3.21 -2.19 18.97
C TYR B 133 -2.92 -3.53 18.34
N ILE B 134 -3.51 -3.75 17.17
CA ILE B 134 -3.34 -5.00 16.43
C ILE B 134 -2.07 -4.88 15.58
N ASN B 135 -1.11 -5.77 15.83
CA ASN B 135 0.12 -5.78 15.06
C ASN B 135 0.09 -6.76 13.91
N LYS B 136 -0.90 -7.64 13.87
CA LYS B 136 -1.01 -8.62 12.79
C LYS B 136 -2.45 -9.14 12.77
N CYS B 137 -3.02 -9.22 11.58
CA CYS B 137 -4.33 -9.85 11.36
C CYS B 137 -4.28 -10.48 9.97
N SER B 138 -4.01 -11.78 9.91
CA SER B 138 -3.89 -12.39 8.59
C SER B 138 -4.81 -13.60 8.52
N ARG B 139 -4.70 -14.36 7.42
CA ARG B 139 -5.59 -15.48 7.17
C ARG B 139 -4.72 -16.68 6.79
N LEU B 140 -4.57 -17.61 7.72
CA LEU B 140 -3.93 -18.87 7.39
C LEU B 140 -4.90 -19.71 6.55
N LEU B 141 -4.40 -20.28 5.46
CA LEU B 141 -5.26 -21.07 4.60
C LEU B 141 -5.21 -22.51 5.10
N SER B 142 -5.80 -23.42 4.32
CA SER B 142 -5.69 -24.85 4.55
C SER B 142 -4.57 -25.48 3.72
N ASP B 143 -3.54 -24.71 3.38
CA ASP B 143 -2.27 -25.29 2.96
C ASP B 143 -1.19 -24.94 3.96
N ASP B 144 -1.60 -24.54 5.16
CA ASP B 144 -0.90 -24.60 6.44
C ASP B 144 0.56 -24.21 6.26
N ARG B 145 0.79 -23.18 5.44
CA ARG B 145 1.66 -22.05 5.76
C ARG B 145 0.99 -20.73 5.46
N THR B 146 -0.02 -20.73 4.57
CA THR B 146 -0.36 -19.56 3.79
C THR B 146 -0.85 -18.44 4.69
N GLU B 147 -0.07 -17.38 4.78
CA GLU B 147 -0.53 -16.13 5.37
C GLU B 147 -1.02 -15.22 4.25
N VAL B 148 -2.29 -14.82 4.31
CA VAL B 148 -2.76 -13.74 3.46
C VAL B 148 -3.30 -12.64 4.37
N PRO B 149 -2.64 -11.49 4.40
CA PRO B 149 -3.05 -10.40 5.29
C PRO B 149 -4.48 -9.94 5.02
N GLN B 150 -5.16 -9.55 6.10
CA GLN B 150 -6.52 -9.02 6.05
C GLN B 150 -6.46 -7.58 6.56
N LEU B 151 -6.21 -6.65 5.64
CA LEU B 151 -6.02 -5.24 5.90
C LEU B 151 -7.34 -4.50 6.03
N VAL B 152 -7.28 -3.30 6.62
CA VAL B 152 -8.45 -2.48 6.89
C VAL B 152 -8.78 -1.63 5.67
N ASN B 153 -10.06 -1.38 5.47
CA ASN B 153 -10.54 -0.45 4.47
C ASN B 153 -10.94 0.88 5.13
N ALA B 154 -11.08 1.91 4.29
CA ALA B 154 -11.48 3.22 4.79
C ALA B 154 -12.89 3.17 5.38
N ASN B 155 -13.05 3.79 6.55
CA ASN B 155 -14.33 3.89 7.24
C ASN B 155 -14.89 2.50 7.59
N GLN B 156 -14.00 1.59 7.96
CA GLN B 156 -14.38 0.24 8.35
C GLN B 156 -13.47 -0.21 9.49
N TYR B 157 -13.93 -1.20 10.24
CA TYR B 157 -13.07 -1.77 11.26
C TYR B 157 -12.28 -2.96 10.70
N SER B 158 -11.24 -3.34 11.44
CA SER B 158 -10.46 -4.51 11.09
C SER B 158 -11.32 -5.77 11.16
N PRO B 159 -11.15 -6.71 10.23
CA PRO B 159 -11.83 -8.01 10.39
C PRO B 159 -11.51 -8.72 11.70
N CYS B 160 -10.33 -8.52 12.27
CA CYS B 160 -9.88 -9.29 13.43
C CYS B 160 -10.30 -8.71 14.78
N VAL B 161 -11.20 -7.72 14.80
CA VAL B 161 -11.79 -7.30 16.07
C VAL B 161 -12.53 -8.45 16.71
N SER B 162 -13.16 -9.30 15.91
CA SER B 162 -14.00 -10.37 16.41
C SER B 162 -13.20 -11.43 17.17
N ILE B 163 -11.86 -11.37 17.14
CA ILE B 163 -11.03 -12.27 17.93
C ILE B 163 -10.11 -11.54 18.89
N VAL B 164 -10.18 -10.22 18.97
CA VAL B 164 -9.23 -9.41 19.73
C VAL B 164 -9.98 -8.73 20.89
N PRO B 165 -9.50 -8.88 22.12
CA PRO B 165 -10.19 -8.25 23.26
C PRO B 165 -10.02 -6.74 23.25
N SER B 166 -10.85 -6.09 24.07
CA SER B 166 -10.84 -4.62 24.15
C SER B 166 -9.54 -4.10 24.75
N THR B 167 -8.78 -4.95 25.43
CA THR B 167 -7.45 -4.60 25.93
C THR B 167 -6.56 -5.83 25.79
N VAL B 168 -5.41 -5.66 25.14
CA VAL B 168 -4.52 -6.80 24.93
C VAL B 168 -3.87 -7.14 26.27
N TRP B 169 -4.08 -8.37 26.73
CA TRP B 169 -3.65 -8.77 28.07
C TRP B 169 -2.14 -8.60 28.25
N GLU B 170 -1.35 -9.25 27.40
CA GLU B 170 0.10 -9.10 27.42
C GLU B 170 0.61 -9.00 25.99
N ASP B 171 1.71 -8.26 25.82
CA ASP B 171 2.26 -7.96 24.51
C ASP B 171 2.70 -9.22 23.78
N GLY B 172 2.19 -9.42 22.57
CA GLY B 172 2.50 -10.59 21.77
C GLY B 172 1.41 -11.64 21.70
N ASP B 173 0.35 -11.50 22.49
CA ASP B 173 -0.73 -12.49 22.51
C ASP B 173 -1.23 -12.81 21.11
N TYR B 174 -1.44 -14.09 20.86
CA TYR B 174 -1.96 -14.58 19.58
C TYR B 174 -3.43 -14.94 19.72
N TYR B 175 -4.17 -14.78 18.62
CA TYR B 175 -5.61 -15.04 18.61
C TYR B 175 -5.95 -15.76 17.31
N ARG B 176 -6.59 -16.91 17.44
CA ARG B 176 -7.01 -17.71 16.29
C ARG B 176 -8.47 -18.12 16.45
N LYS B 177 -9.20 -18.11 15.33
CA LYS B 177 -10.51 -18.74 15.28
C LYS B 177 -10.62 -19.39 13.90
N GLN B 178 -10.98 -20.67 13.83
CA GLN B 178 -11.25 -21.19 12.51
C GLN B 178 -12.53 -20.56 11.96
N LEU B 179 -12.44 -20.22 10.67
CA LEU B 179 -13.55 -19.69 9.84
C LEU B 179 -14.26 -20.90 9.22
N SER B 180 -15.59 -20.87 9.18
CA SER B 180 -16.43 -21.96 8.70
C SER B 180 -16.38 -22.05 7.17
N PRO B 181 -16.72 -23.22 6.63
CA PRO B 181 -16.71 -23.40 5.18
C PRO B 181 -17.57 -22.36 4.48
N LEU B 182 -18.64 -21.87 5.11
CA LEU B 182 -19.55 -21.00 4.39
C LEU B 182 -19.05 -19.57 4.24
N GLU B 183 -18.18 -19.10 5.13
CA GLU B 183 -17.33 -17.93 4.89
C GLU B 183 -16.04 -18.28 4.17
N GLY B 184 -15.71 -19.58 4.08
CA GLY B 184 -14.55 -20.01 3.32
C GLY B 184 -13.59 -21.05 3.86
N GLY B 185 -13.35 -21.16 5.16
CA GLY B 185 -12.60 -22.33 5.56
C GLY B 185 -11.10 -22.16 5.66
N GLY B 186 -10.55 -22.42 6.85
CA GLY B 186 -9.16 -22.12 7.13
C GLY B 186 -9.02 -21.51 8.51
N TRP B 187 -8.28 -20.42 8.64
CA TRP B 187 -8.12 -19.80 9.95
C TRP B 187 -8.15 -18.29 9.81
N LEU B 188 -8.37 -17.63 10.94
CA LEU B 188 -8.19 -16.19 11.08
C LEU B 188 -7.32 -15.98 12.31
N VAL B 189 -6.07 -15.60 12.10
CA VAL B 189 -5.15 -15.37 13.22
C VAL B 189 -4.91 -13.88 13.37
N ALA B 190 -4.63 -13.46 14.60
CA ALA B 190 -4.26 -12.09 14.88
C ALA B 190 -3.39 -12.06 16.13
N SER B 191 -2.61 -10.99 16.26
CA SER B 191 -1.78 -10.79 17.44
C SER B 191 -1.87 -9.33 17.87
N GLY B 192 -1.66 -9.10 19.16
CA GLY B 192 -1.78 -7.79 19.74
C GLY B 192 -0.50 -7.28 20.36
N SER B 193 -0.40 -5.95 20.53
CA SER B 193 0.77 -5.32 21.09
C SER B 193 0.32 -4.21 22.04
N THR B 194 1.14 -3.95 23.04
CA THR B 194 0.78 -3.06 24.13
C THR B 194 1.83 -1.96 24.27
N VAL B 195 1.40 -0.85 24.87
CA VAL B 195 2.25 0.27 25.21
C VAL B 195 1.84 0.75 26.60
N ALA B 196 2.81 0.97 27.46
CA ALA B 196 2.49 1.32 28.84
C ALA B 196 1.70 2.63 28.88
N MET B 197 0.71 2.66 29.78
CA MET B 197 -0.06 3.87 29.98
C MET B 197 0.86 5.00 30.44
N THR B 198 0.51 6.22 30.07
CA THR B 198 1.27 7.37 30.55
C THR B 198 0.50 8.01 31.70
N GLU B 199 1.18 8.94 32.39
CA GLU B 199 0.55 9.65 33.50
C GLU B 199 -0.79 10.24 33.07
N GLN B 200 -0.81 11.02 32.01
CA GLN B 200 -2.03 11.65 31.52
C GLN B 200 -2.40 10.99 30.20
N LEU B 201 -3.69 10.67 30.08
CA LEU B 201 -4.20 9.98 28.90
C LEU B 201 -3.89 10.77 27.64
N GLN B 202 -3.46 10.06 26.60
CA GLN B 202 -3.30 10.64 25.27
C GLN B 202 -4.29 9.96 24.34
N MET B 203 -5.00 10.76 23.56
CA MET B 203 -6.06 10.28 22.68
C MET B 203 -5.75 10.65 21.24
N GLY B 204 -6.66 10.27 20.36
CA GLY B 204 -6.61 10.68 18.97
C GLY B 204 -8.00 10.85 18.41
N PHE B 205 -8.23 11.92 17.64
CA PHE B 205 -9.54 12.20 17.06
C PHE B 205 -9.43 12.21 15.55
N GLY B 206 -10.36 11.52 14.89
CA GLY B 206 -10.47 11.57 13.45
C GLY B 206 -11.81 12.11 13.01
N ILE B 207 -11.81 13.19 12.23
CA ILE B 207 -13.03 13.83 11.74
C ILE B 207 -13.10 13.65 10.24
N THR B 208 -14.24 13.16 9.76
CA THR B 208 -14.53 13.06 8.33
C THR B 208 -15.79 13.86 8.02
N VAL B 209 -15.79 14.58 6.90
CA VAL B 209 -16.89 15.45 6.53
C VAL B 209 -17.36 15.10 5.12
N GLN B 210 -18.66 15.17 4.91
CA GLN B 210 -19.29 14.98 3.61
C GLN B 210 -20.04 16.25 3.22
N TYR B 211 -19.99 16.61 1.94
CA TYR B 211 -20.70 17.78 1.43
C TYR B 211 -21.90 17.32 0.60
N GLY B 212 -23.08 17.89 0.87
CA GLY B 212 -24.28 17.55 0.15
C GLY B 212 -24.68 18.61 -0.88
N THR B 213 -25.84 18.39 -1.50
CA THR B 213 -26.31 19.35 -2.50
C THR B 213 -26.94 20.58 -1.86
N ASP B 214 -28.00 20.37 -1.08
CA ASP B 214 -28.55 21.36 -0.17
C ASP B 214 -28.53 20.88 1.26
N THR B 215 -28.13 19.63 1.50
CA THR B 215 -28.29 18.93 2.77
C THR B 215 -27.24 19.34 3.80
N ASN B 216 -26.48 20.40 3.53
CA ASN B 216 -25.37 20.80 4.40
C ASN B 216 -25.95 21.49 5.63
N SER B 217 -26.54 20.66 6.49
CA SER B 217 -27.23 21.09 7.70
C SER B 217 -26.30 21.23 8.89
N VAL B 218 -25.19 20.49 8.90
CA VAL B 218 -24.23 20.54 10.00
C VAL B 218 -23.36 21.78 9.75
N CYS B 219 -23.66 22.86 10.46
CA CYS B 219 -23.03 24.15 10.29
C CYS B 219 -22.46 24.63 11.61
N PRO B 220 -21.47 25.53 11.58
CA PRO B 220 -20.92 26.07 12.82
C PRO B 220 -21.92 27.00 13.50
N LYS B 221 -21.76 27.13 14.82
CA LYS B 221 -22.68 27.93 15.62
C LYS B 221 -22.30 29.40 15.57
N LEU B 222 -23.29 30.26 15.31
CA LEU B 222 -23.08 31.69 15.27
C LEU B 222 -23.97 32.39 16.30
C1 NAG C . 11.51 -23.04 -32.25
C2 NAG C . 12.14 -23.33 -33.61
C3 NAG C . 11.11 -23.14 -34.72
C4 NAG C . 9.83 -23.91 -34.43
C5 NAG C . 9.31 -23.56 -33.05
C6 NAG C . 8.10 -24.37 -32.64
C7 NAG C . 14.55 -22.85 -33.64
C8 NAG C . 15.59 -21.82 -33.95
N2 NAG C . 13.29 -22.48 -33.84
O3 NAG C . 11.67 -23.58 -35.97
O4 NAG C . 8.83 -23.58 -35.40
O5 NAG C . 10.33 -23.84 -32.07
O6 NAG C . 7.63 -23.98 -31.36
O7 NAG C . 14.84 -23.97 -33.22
#